data_8CUC
#
_entry.id   8CUC
#
_cell.length_a   49.250
_cell.length_b   70.510
_cell.length_c   112.060
_cell.angle_alpha   90.000
_cell.angle_beta   90.000
_cell.angle_gamma   90.000
#
_symmetry.space_group_name_H-M   'P 21 21 21'
#
loop_
_entity.id
_entity.type
_entity.pdbx_description
1 polymer "DNA (5'-D(P*CP*GP*AP*AP*AP*TP*AP*TP*TP*AP*GP*C)-3')"
2 polymer "DNA (5'-D(P*GP*CP*TP*AP*AP*TP*AP*TP*TP*TP*CP*G)-3')"
3 polymer 'Sal-like protein 4'
4 non-polymer 'ZINC ION'
5 water water
#
loop_
_entity_poly.entity_id
_entity_poly.type
_entity_poly.pdbx_seq_one_letter_code
_entity_poly.pdbx_strand_id
1 'polydeoxyribonucleotide' (DC)(DG)(DA)(DA)(DA)(DT)(DA)(DT)(DT)(DA)(DG)(DC) A,C
2 'polydeoxyribonucleotide' (DG)(DC)(DT)(DA)(DA)(DT)(DA)(DT)(DT)(DT)(DC)(DG) B,D
3 'polypeptide(L)' GSRRQAKQHGCTRCGKNFSSASALQIHERTHTGEKPFVCNICGRAFTTKGNLKVHYMTHGANNNSARR E,F,G,H
#
loop_
_chem_comp.id
_chem_comp.type
_chem_comp.name
_chem_comp.formula
DA DNA linking 2'-DEOXYADENOSINE-5'-MONOPHOSPHATE 'C10 H14 N5 O6 P'
DC DNA linking 2'-DEOXYCYTIDINE-5'-MONOPHOSPHATE 'C9 H14 N3 O7 P'
DG DNA linking 2'-DEOXYGUANOSINE-5'-MONOPHOSPHATE 'C10 H14 N5 O7 P'
DT DNA linking THYMIDINE-5'-MONOPHOSPHATE 'C10 H15 N2 O8 P'
ZN non-polymer 'ZINC ION' 'Zn 2'
#
# COMPACT_ATOMS: atom_id res chain seq x y z
N GLU E 34 11.86 27.94 19.70
CA GLU E 34 11.99 26.54 19.30
C GLU E 34 12.45 26.43 17.85
N LYS E 35 11.82 27.22 16.98
CA LYS E 35 12.07 27.20 15.54
C LYS E 35 12.34 28.63 15.08
N PRO E 36 13.59 29.08 15.14
CA PRO E 36 13.87 30.51 14.89
C PRO E 36 13.97 30.90 13.43
N PHE E 37 14.07 29.96 12.50
CA PHE E 37 14.31 30.27 11.09
C PHE E 37 13.02 30.10 10.30
N VAL E 38 12.57 31.18 9.66
CA VAL E 38 11.24 31.24 9.05
C VAL E 38 11.39 31.45 7.55
N CYS E 39 10.60 30.72 6.78
CA CYS E 39 10.58 30.90 5.34
C CYS E 39 9.72 32.12 5.01
N ASN E 40 10.32 33.12 4.37
CA ASN E 40 9.58 34.34 4.12
C ASN E 40 8.50 34.17 3.06
N ILE E 41 8.48 33.04 2.34
CA ILE E 41 7.49 32.85 1.29
C ILE E 41 6.19 32.29 1.86
N CYS E 42 6.28 31.21 2.63
CA CYS E 42 5.08 30.54 3.12
C CYS E 42 4.91 30.60 4.64
N GLY E 43 5.91 31.05 5.38
CA GLY E 43 5.78 31.23 6.80
C GLY E 43 6.09 30.01 7.66
N ARG E 44 6.53 28.91 7.07
CA ARG E 44 6.90 27.74 7.86
C ARG E 44 8.19 28.01 8.63
N ALA E 45 8.29 27.41 9.82
CA ALA E 45 9.43 27.63 10.70
C ALA E 45 10.28 26.36 10.79
N PHE E 46 11.56 26.56 11.08
CA PHE E 46 12.53 25.47 11.06
C PHE E 46 13.52 25.65 12.21
N THR E 47 14.07 24.52 12.68
CA THR E 47 15.01 24.56 13.78
C THR E 47 16.42 24.90 13.34
N THR E 48 16.77 24.67 12.08
CA THR E 48 18.12 24.92 11.60
C THR E 48 18.07 25.67 10.28
N LYS E 49 19.15 26.42 10.02
CA LYS E 49 19.30 27.08 8.73
C LYS E 49 19.32 26.08 7.59
N GLY E 50 19.95 24.91 7.80
CA GLY E 50 20.00 23.92 6.74
C GLY E 50 18.62 23.42 6.35
N ASN E 51 17.77 23.15 7.35
CA ASN E 51 16.42 22.71 7.05
C ASN E 51 15.65 23.80 6.33
N LEU E 52 15.86 25.06 6.70
CA LEU E 52 15.19 26.15 5.98
C LEU E 52 15.65 26.20 4.52
N LYS E 53 16.95 26.11 4.28
CA LYS E 53 17.46 26.21 2.91
C LYS E 53 16.90 25.08 2.04
N VAL E 54 16.93 23.85 2.55
CA VAL E 54 16.46 22.71 1.78
C VAL E 54 14.98 22.87 1.45
N HIS E 55 14.20 23.41 2.39
CA HIS E 55 12.81 23.69 2.09
C HIS E 55 12.67 24.84 1.10
N TYR E 56 13.51 25.88 1.25
CA TYR E 56 13.39 27.06 0.41
C TYR E 56 13.55 26.72 -1.07
N MET E 57 14.44 25.78 -1.39
CA MET E 57 14.66 25.42 -2.79
C MET E 57 13.39 24.92 -3.46
N THR E 58 12.46 24.36 -2.69
CA THR E 58 11.24 23.79 -3.25
C THR E 58 10.27 24.84 -3.76
N HIS E 59 10.47 26.12 -3.43
CA HIS E 59 9.63 27.17 -3.97
C HIS E 59 10.17 27.58 -5.33
N LYS F 7 -28.46 -8.84 15.66
CA LYS F 7 -29.05 -8.16 14.52
C LYS F 7 -28.56 -8.75 13.20
N GLN F 8 -29.49 -8.96 12.27
CA GLN F 8 -29.16 -9.36 10.91
C GLN F 8 -29.10 -8.12 10.03
N HIS F 9 -28.10 -8.07 9.15
CA HIS F 9 -27.93 -6.92 8.27
C HIS F 9 -28.48 -7.29 6.89
N GLY F 10 -29.78 -7.12 6.75
CA GLY F 10 -30.48 -7.48 5.54
C GLY F 10 -30.68 -6.26 4.65
N CYS F 11 -30.66 -6.47 3.35
CA CYS F 11 -30.95 -5.37 2.44
C CYS F 11 -32.46 -5.21 2.46
N THR F 12 -32.95 -4.21 3.20
CA THR F 12 -34.39 -3.98 3.26
C THR F 12 -34.96 -3.66 1.90
N ARG F 13 -34.14 -3.13 1.00
CA ARG F 13 -34.57 -2.65 -0.29
C ARG F 13 -34.31 -3.69 -1.40
N CYS F 14 -33.55 -4.78 -1.11
CA CYS F 14 -33.50 -5.94 -2.03
C CYS F 14 -33.74 -7.32 -1.38
N GLY F 15 -33.57 -7.48 -0.08
CA GLY F 15 -33.86 -8.73 0.62
C GLY F 15 -32.69 -9.64 0.97
N LYS F 16 -31.48 -9.37 0.50
CA LYS F 16 -30.34 -10.22 0.83
C LYS F 16 -29.74 -9.88 2.20
N ASN F 17 -29.20 -10.89 2.87
CA ASN F 17 -28.63 -10.77 4.21
C ASN F 17 -27.11 -10.78 4.15
N PHE F 18 -26.48 -10.07 5.10
CA PHE F 18 -25.05 -9.86 5.05
C PHE F 18 -24.43 -9.92 6.44
N SER F 19 -23.12 -10.16 6.46
CA SER F 19 -22.41 -10.49 7.69
C SER F 19 -22.18 -9.29 8.60
N SER F 20 -22.26 -8.07 8.07
CA SER F 20 -21.99 -6.88 8.87
C SER F 20 -22.67 -5.68 8.21
N ALA F 21 -22.68 -4.57 8.94
CA ALA F 21 -23.23 -3.32 8.39
C ALA F 21 -22.39 -2.84 7.22
N SER F 22 -21.06 -2.92 7.34
CA SER F 22 -20.18 -2.50 6.25
C SER F 22 -20.32 -3.41 5.04
N ALA F 23 -20.58 -4.69 5.26
CA ALA F 23 -20.87 -5.59 4.15
C ALA F 23 -22.15 -5.18 3.43
N LEU F 24 -23.17 -4.74 4.19
CA LEU F 24 -24.43 -4.27 3.59
C LEU F 24 -24.18 -3.04 2.72
N GLN F 25 -23.48 -2.05 3.29
CA GLN F 25 -22.87 -0.95 2.57
C GLN F 25 -22.36 -1.29 1.18
N ILE F 26 -21.43 -2.24 1.11
CA ILE F 26 -20.84 -2.62 -0.18
C ILE F 26 -21.91 -3.16 -1.10
N HIS F 27 -22.82 -3.97 -0.57
CA HIS F 27 -23.89 -4.51 -1.39
C HIS F 27 -24.86 -3.43 -1.86
N GLU F 28 -25.19 -2.46 -0.99
CA GLU F 28 -26.12 -1.40 -1.38
C GLU F 28 -25.63 -0.67 -2.62
N ARG F 29 -24.30 -0.61 -2.82
CA ARG F 29 -23.76 0.08 -3.98
C ARG F 29 -24.22 -0.57 -5.29
N THR F 30 -24.53 -1.87 -5.26
CA THR F 30 -25.05 -2.52 -6.45
C THR F 30 -26.40 -1.94 -6.87
N HIS F 31 -27.16 -1.39 -5.92
CA HIS F 31 -28.45 -0.76 -6.24
C HIS F 31 -28.32 0.72 -6.55
N THR F 32 -27.48 1.44 -5.82
CA THR F 32 -27.39 2.88 -5.99
C THR F 32 -26.47 3.29 -7.14
N GLY F 33 -25.62 2.40 -7.62
CA GLY F 33 -24.64 2.78 -8.62
C GLY F 33 -23.46 3.54 -8.07
N GLU F 34 -23.30 3.60 -6.75
CA GLU F 34 -22.17 4.30 -6.15
C GLU F 34 -20.89 3.50 -6.40
N LYS F 35 -19.85 4.18 -6.88
CA LYS F 35 -18.57 3.54 -7.18
C LYS F 35 -17.44 4.47 -6.74
N PRO F 36 -17.10 4.43 -5.45
CA PRO F 36 -16.20 5.47 -4.91
C PRO F 36 -14.73 5.27 -5.23
N PHE F 37 -14.33 4.18 -5.89
CA PHE F 37 -12.91 3.89 -6.11
C PHE F 37 -12.60 3.96 -7.60
N VAL F 38 -11.90 5.02 -8.00
CA VAL F 38 -11.67 5.36 -9.40
C VAL F 38 -10.20 5.18 -9.73
N CYS F 39 -9.92 4.45 -10.80
CA CYS F 39 -8.54 4.23 -11.22
C CYS F 39 -7.91 5.53 -11.71
N ASN F 40 -6.74 5.86 -11.17
CA ASN F 40 -6.05 7.11 -11.50
C ASN F 40 -5.48 7.10 -12.91
N ILE F 41 -5.38 5.94 -13.55
CA ILE F 41 -4.79 5.85 -14.88
C ILE F 41 -5.85 6.04 -15.97
N CYS F 42 -6.95 5.29 -15.90
CA CYS F 42 -7.96 5.32 -16.94
C CYS F 42 -9.32 5.82 -16.49
N GLY F 43 -9.54 6.02 -15.20
CA GLY F 43 -10.80 6.55 -14.72
C GLY F 43 -11.93 5.55 -14.55
N ARG F 44 -11.66 4.24 -14.64
CA ARG F 44 -12.74 3.29 -14.43
C ARG F 44 -13.09 3.22 -12.95
N ALA F 45 -14.38 3.22 -12.66
CA ALA F 45 -14.90 3.29 -11.30
C ALA F 45 -15.31 1.91 -10.81
N PHE F 46 -15.12 1.67 -9.51
CA PHE F 46 -15.39 0.38 -8.89
C PHE F 46 -16.17 0.57 -7.60
N THR F 47 -16.94 -0.46 -7.25
CA THR F 47 -17.69 -0.42 -6.00
C THR F 47 -16.82 -0.70 -4.78
N THR F 48 -15.68 -1.39 -4.95
CA THR F 48 -14.85 -1.78 -3.81
C THR F 48 -13.38 -1.45 -4.05
N LYS F 49 -12.67 -1.21 -2.94
CA LYS F 49 -11.24 -1.01 -3.00
C LYS F 49 -10.52 -2.25 -3.54
N GLY F 50 -10.97 -3.44 -3.15
CA GLY F 50 -10.30 -4.66 -3.59
C GLY F 50 -10.38 -4.87 -5.09
N ASN F 51 -11.51 -4.52 -5.70
CA ASN F 51 -11.63 -4.72 -7.14
C ASN F 51 -10.83 -3.67 -7.91
N LEU F 52 -10.70 -2.45 -7.36
CA LEU F 52 -9.84 -1.48 -7.99
C LEU F 52 -8.39 -1.90 -7.90
N LYS F 53 -7.98 -2.45 -6.76
CA LYS F 53 -6.61 -2.91 -6.59
C LYS F 53 -6.25 -3.95 -7.65
N VAL F 54 -7.14 -4.91 -7.87
CA VAL F 54 -6.87 -5.93 -8.89
C VAL F 54 -6.82 -5.29 -10.27
N HIS F 55 -7.66 -4.29 -10.51
CA HIS F 55 -7.70 -3.65 -11.83
C HIS F 55 -6.38 -2.94 -12.14
N TYR F 56 -5.70 -2.40 -11.13
CA TYR F 56 -4.44 -1.72 -11.37
C TYR F 56 -3.39 -2.67 -11.93
N MET F 57 -3.50 -3.96 -11.61
CA MET F 57 -2.56 -4.94 -12.13
C MET F 57 -2.77 -5.23 -13.61
N THR F 58 -3.88 -4.78 -14.19
CA THR F 58 -4.07 -4.90 -15.62
C THR F 58 -3.38 -3.79 -16.41
N HIS F 59 -2.82 -2.79 -15.74
CA HIS F 59 -2.09 -1.71 -16.38
C HIS F 59 -0.58 -1.95 -16.42
N GLY F 60 0.00 -2.38 -15.31
CA GLY F 60 1.43 -2.60 -15.23
C GLY F 60 1.94 -3.70 -16.14
N GLN G 8 -2.48 -1.75 7.70
CA GLN G 8 -1.17 -1.22 8.06
C GLN G 8 -0.07 -2.28 7.88
N HIS G 9 1.17 -1.81 7.79
CA HIS G 9 2.34 -2.66 7.58
C HIS G 9 3.30 -2.43 8.75
N GLY G 10 3.17 -3.25 9.78
CA GLY G 10 3.93 -3.05 11.00
C GLY G 10 5.23 -3.83 11.04
N CYS G 11 6.22 -3.21 11.70
CA CYS G 11 7.52 -3.83 11.92
C CYS G 11 7.47 -4.76 13.13
N THR G 12 7.64 -6.06 12.89
CA THR G 12 7.68 -7.03 13.98
C THR G 12 8.79 -6.78 14.98
N ARG G 13 9.80 -5.97 14.64
CA ARG G 13 10.98 -5.85 15.49
C ARG G 13 10.95 -4.65 16.43
N CYS G 14 10.24 -3.57 16.10
CA CYS G 14 10.10 -2.46 17.00
C CYS G 14 8.67 -1.97 17.19
N GLY G 15 7.74 -2.35 16.33
CA GLY G 15 6.37 -1.96 16.51
C GLY G 15 5.93 -0.75 15.70
N LYS G 16 6.86 -0.09 15.01
CA LYS G 16 6.47 1.08 14.24
C LYS G 16 5.73 0.65 12.98
N ASN G 17 4.76 1.48 12.59
CA ASN G 17 3.86 1.17 11.49
C ASN G 17 4.17 2.03 10.28
N PHE G 18 3.90 1.47 9.09
CA PHE G 18 4.25 2.14 7.85
C PHE G 18 3.15 1.96 6.83
N SER G 19 3.09 2.91 5.88
CA SER G 19 1.95 3.06 4.99
C SER G 19 1.91 2.01 3.88
N SER G 20 2.99 1.29 3.64
CA SER G 20 3.03 0.33 2.54
C SER G 20 4.06 -0.74 2.84
N ALA G 21 4.02 -1.80 2.04
CA ALA G 21 5.00 -2.88 2.17
C ALA G 21 6.40 -2.40 1.83
N SER G 22 6.53 -1.62 0.76
CA SER G 22 7.85 -1.11 0.38
C SER G 22 8.40 -0.13 1.41
N ALA G 23 7.52 0.65 2.04
CA ALA G 23 7.98 1.55 3.09
C ALA G 23 8.50 0.77 4.28
N LEU G 24 7.82 -0.31 4.65
CA LEU G 24 8.29 -1.17 5.73
C LEU G 24 9.63 -1.83 5.38
N GLN G 25 9.70 -2.44 4.19
CA GLN G 25 10.95 -2.95 3.65
C GLN G 25 12.10 -1.96 3.86
N ILE G 26 11.88 -0.70 3.45
CA ILE G 26 12.92 0.32 3.62
C ILE G 26 13.27 0.49 5.09
N HIS G 27 12.26 0.51 5.97
CA HIS G 27 12.51 0.65 7.40
C HIS G 27 13.29 -0.53 7.95
N GLU G 28 12.99 -1.73 7.47
CA GLU G 28 13.68 -2.92 7.95
C GLU G 28 15.20 -2.82 7.81
N ARG G 29 15.67 -2.04 6.83
CA ARG G 29 17.11 -1.88 6.65
C ARG G 29 17.77 -1.23 7.86
N THR G 30 17.02 -0.41 8.61
CA THR G 30 17.57 0.16 9.84
C THR G 30 17.89 -0.92 10.86
N HIS G 31 17.21 -2.07 10.79
CA HIS G 31 17.50 -3.18 11.69
C HIS G 31 18.56 -4.11 11.14
N THR G 32 18.54 -4.38 9.83
CA THR G 32 19.49 -5.31 9.24
C THR G 32 20.84 -4.68 8.93
N GLY G 33 20.90 -3.34 8.85
CA GLY G 33 22.12 -2.65 8.49
C GLY G 33 22.50 -2.73 7.03
N GLU G 34 21.62 -3.23 6.18
CA GLU G 34 21.91 -3.31 4.75
C GLU G 34 21.81 -1.92 4.12
N LYS G 35 22.80 -1.58 3.28
CA LYS G 35 22.87 -0.28 2.63
C LYS G 35 23.19 -0.55 1.15
N PRO G 36 22.19 -0.88 0.36
CA PRO G 36 22.44 -1.36 -1.01
C PRO G 36 22.75 -0.28 -2.02
N PHE G 37 22.73 1.00 -1.64
CA PHE G 37 22.88 2.09 -2.60
C PHE G 37 24.22 2.78 -2.36
N VAL G 38 25.17 2.54 -3.26
CA VAL G 38 26.57 2.91 -3.08
C VAL G 38 26.92 4.00 -4.07
N CYS G 39 27.52 5.08 -3.56
CA CYS G 39 27.95 6.17 -4.44
C CYS G 39 29.13 5.72 -5.31
N ASN G 40 28.97 5.91 -6.63
CA ASN G 40 30.02 5.52 -7.57
C ASN G 40 31.25 6.42 -7.50
N ILE G 41 31.13 7.60 -6.88
CA ILE G 41 32.23 8.55 -6.83
C ILE G 41 33.11 8.33 -5.60
N CYS G 42 32.50 8.22 -4.41
CA CYS G 42 33.26 8.14 -3.18
C CYS G 42 33.08 6.83 -2.42
N GLY G 43 32.18 5.95 -2.83
CA GLY G 43 32.02 4.66 -2.20
C GLY G 43 31.18 4.64 -0.94
N ARG G 44 30.50 5.72 -0.59
CA ARG G 44 29.65 5.75 0.59
C ARG G 44 28.33 5.02 0.33
N ALA G 45 27.90 4.22 1.31
CA ALA G 45 26.71 3.38 1.18
C ALA G 45 25.52 4.01 1.91
N PHE G 46 24.33 3.80 1.35
CA PHE G 46 23.10 4.39 1.85
C PHE G 46 22.00 3.35 1.95
N THR G 47 21.05 3.59 2.86
CA THR G 47 19.91 2.69 2.99
C THR G 47 18.84 2.91 1.93
N THR G 48 18.77 4.11 1.33
CA THR G 48 17.70 4.40 0.37
C THR G 48 18.26 5.04 -0.90
N LYS G 49 17.55 4.77 -2.00
CA LYS G 49 17.87 5.40 -3.27
C LYS G 49 17.75 6.91 -3.19
N GLY G 50 16.73 7.42 -2.50
CA GLY G 50 16.54 8.85 -2.41
C GLY G 50 17.66 9.56 -1.66
N ASN G 51 18.20 8.93 -0.62
CA ASN G 51 19.28 9.58 0.12
C ASN G 51 20.57 9.55 -0.68
N LEU G 52 20.77 8.53 -1.50
CA LEU G 52 21.94 8.51 -2.38
C LEU G 52 21.82 9.60 -3.44
N LYS G 53 20.62 9.77 -4.00
CA LYS G 53 20.41 10.80 -5.03
C LYS G 53 20.78 12.18 -4.50
N VAL G 54 20.33 12.50 -3.28
CA VAL G 54 20.64 13.79 -2.67
C VAL G 54 22.14 13.90 -2.45
N HIS G 55 22.78 12.79 -2.07
CA HIS G 55 24.22 12.81 -1.79
C HIS G 55 25.04 13.12 -3.04
N TYR G 56 24.55 12.70 -4.22
CA TYR G 56 25.30 12.97 -5.43
C TYR G 56 25.42 14.46 -5.70
N MET G 57 24.47 15.25 -5.22
CA MET G 57 24.54 16.70 -5.40
C MET G 57 25.60 17.36 -4.54
N THR G 58 26.15 16.64 -3.56
CA THR G 58 27.26 17.20 -2.78
C THR G 58 28.60 17.05 -3.50
N HIS G 59 28.66 16.37 -4.64
CA HIS G 59 29.90 16.18 -5.37
C HIS G 59 30.14 17.23 -6.45
N GLY G 60 29.13 17.53 -7.24
CA GLY G 60 29.27 18.47 -8.33
C GLY G 60 29.58 19.88 -7.89
N GLY H 33 4.58 -22.58 -2.33
CA GLY H 33 4.24 -21.35 -3.02
C GLY H 33 2.91 -20.74 -2.60
N GLU H 34 2.29 -20.02 -3.53
CA GLU H 34 1.11 -19.22 -3.21
C GLU H 34 -0.11 -20.10 -2.92
N LYS H 35 -0.38 -21.08 -3.77
CA LYS H 35 -1.57 -21.92 -3.67
C LYS H 35 -1.17 -23.38 -3.74
N PRO H 36 -0.83 -23.99 -2.59
CA PRO H 36 -0.25 -25.34 -2.60
C PRO H 36 -1.26 -26.47 -2.78
N PHE H 37 -2.56 -26.22 -2.69
CA PHE H 37 -3.57 -27.26 -2.71
C PHE H 37 -4.24 -27.33 -4.07
N VAL H 38 -4.11 -28.46 -4.75
CA VAL H 38 -4.51 -28.61 -6.15
C VAL H 38 -5.61 -29.65 -6.27
N CYS H 39 -6.63 -29.33 -7.05
CA CYS H 39 -7.72 -30.26 -7.36
C CYS H 39 -7.27 -31.19 -8.49
N ASN H 40 -7.21 -32.49 -8.21
CA ASN H 40 -6.72 -33.42 -9.23
C ASN H 40 -7.73 -33.66 -10.34
N ILE H 41 -8.96 -33.14 -10.22
CA ILE H 41 -9.95 -33.31 -11.27
C ILE H 41 -9.83 -32.23 -12.33
N CYS H 42 -9.80 -30.96 -11.94
CA CYS H 42 -9.75 -29.87 -12.91
C CYS H 42 -8.45 -29.08 -12.88
N GLY H 43 -7.60 -29.28 -11.88
CA GLY H 43 -6.31 -28.64 -11.84
C GLY H 43 -6.26 -27.27 -11.19
N ARG H 44 -7.37 -26.78 -10.64
CA ARG H 44 -7.33 -25.49 -9.97
C ARG H 44 -6.57 -25.58 -8.64
N ALA H 45 -5.89 -24.50 -8.29
CA ALA H 45 -5.09 -24.44 -7.07
C ALA H 45 -5.74 -23.50 -6.06
N PHE H 46 -5.47 -23.75 -4.78
CA PHE H 46 -6.11 -23.03 -3.68
C PHE H 46 -5.10 -22.80 -2.57
N THR H 47 -5.37 -21.77 -1.75
CA THR H 47 -4.45 -21.37 -0.71
C THR H 47 -4.55 -22.24 0.55
N THR H 48 -5.70 -22.88 0.79
CA THR H 48 -5.91 -23.67 1.99
C THR H 48 -6.57 -25.00 1.65
N LYS H 49 -6.37 -25.99 2.53
CA LYS H 49 -7.05 -27.27 2.37
C LYS H 49 -8.56 -27.08 2.33
N GLY H 50 -9.08 -26.19 3.17
CA GLY H 50 -10.51 -25.98 3.24
C GLY H 50 -11.10 -25.44 1.95
N ASN H 51 -10.42 -24.47 1.33
CA ASN H 51 -10.93 -23.92 0.07
C ASN H 51 -10.95 -25.00 -1.00
N LEU H 52 -9.94 -25.86 -1.04
CA LEU H 52 -9.96 -26.99 -1.96
C LEU H 52 -11.15 -27.90 -1.66
N LYS H 53 -11.40 -28.18 -0.38
CA LYS H 53 -12.46 -29.11 0.00
C LYS H 53 -13.82 -28.64 -0.51
N VAL H 54 -14.15 -27.37 -0.29
CA VAL H 54 -15.45 -26.86 -0.74
C VAL H 54 -15.56 -26.89 -2.26
N HIS H 55 -14.45 -26.61 -2.96
CA HIS H 55 -14.48 -26.67 -4.42
C HIS H 55 -14.63 -28.11 -4.89
N TYR H 56 -13.94 -29.04 -4.23
CA TYR H 56 -13.96 -30.45 -4.63
C TYR H 56 -15.37 -31.02 -4.62
N MET H 57 -16.24 -30.49 -3.75
CA MET H 57 -17.62 -30.98 -3.68
C MET H 57 -18.39 -30.71 -4.96
N THR H 58 -18.05 -29.64 -5.68
CA THR H 58 -18.78 -29.29 -6.89
C THR H 58 -18.59 -30.30 -8.01
N HIS H 59 -17.61 -31.20 -7.91
CA HIS H 59 -17.43 -32.25 -8.90
C HIS H 59 -18.29 -33.47 -8.61
N GLY H 60 -18.73 -33.66 -7.37
CA GLY H 60 -19.55 -34.80 -7.00
C GLY H 60 -20.89 -34.87 -7.71
ZN ZN I . 8.37 28.15 2.32
ZN ZN J . -29.88 -5.60 -2.23
ZN ZN K . -7.48 1.73 -15.07
ZN ZN L . 29.79 10.14 -2.90
ZN ZN M . 11.46 -1.61 13.18
ZN ZN N . -11.74 -29.02 -9.55
#